data_2QC5
#
_entry.id   2QC5
#
_cell.length_a   60.465
_cell.length_b   68.117
_cell.length_c   73.212
_cell.angle_alpha   90.00
_cell.angle_beta   90.00
_cell.angle_gamma   90.00
#
_symmetry.space_group_name_H-M   'P 21 21 21'
#
loop_
_entity.id
_entity.type
_entity.pdbx_description
1 polymer 'Streptogramin B lactonase'
2 non-polymer 'IODIDE ION'
3 water water
#
_entity_poly.entity_id   1
_entity_poly.type   'polypeptide(L)'
_entity_poly.pdbx_seq_one_letter_code
;GSEAWMNFYLEEFNLSIPDSGPYGITSSEDGKVWFTQHKANKISSLDQSGRIKEFEVPTPDAKVMCLIVSSLGDIWFTEN
GANKIGKLSKKGGFTEYPLPQPDSGPYGITEGLNGDIWFTQLNGDRIGKLTADGTIYEYDLPNKGSYPAFITLGSDNALW
FTENQNNSIGRITNTGKLEEYPLPTNAAAPVGITSGNDGALWFVEIMGNKIGRITTTGEISEYDIPTPNARPHAITAGKN
SEIWFTEWGANQIGRITNDNTIQEYQLQTENAEPHGITFGKDGSVWFALKCKIGKLNLNE
;
_entity_poly.pdbx_strand_id   A
#
# COMPACT_ATOMS: atom_id res chain seq x y z
N SER A 2 10.78 -5.77 -30.49
CA SER A 2 9.63 -6.15 -29.64
C SER A 2 9.32 -5.09 -28.57
N GLU A 3 8.29 -4.31 -28.83
CA GLU A 3 7.79 -3.27 -27.94
C GLU A 3 6.94 -3.84 -26.81
N ALA A 4 6.97 -3.14 -25.67
CA ALA A 4 6.33 -3.62 -24.45
C ALA A 4 4.83 -3.86 -24.59
N TRP A 5 4.14 -3.05 -25.39
CA TRP A 5 2.70 -3.20 -25.57
C TRP A 5 2.28 -4.55 -26.17
N MET A 6 3.19 -5.19 -26.91
CA MET A 6 2.92 -6.51 -27.50
C MET A 6 3.10 -7.62 -26.47
N ASN A 7 3.84 -7.31 -25.41
CA ASN A 7 4.37 -8.32 -24.50
C ASN A 7 3.69 -8.40 -23.12
N PHE A 8 2.42 -7.98 -23.05
CA PHE A 8 1.65 -8.11 -21.81
C PHE A 8 0.26 -8.64 -22.12
N TYR A 9 -0.42 -9.13 -21.09
CA TYR A 9 -1.83 -9.53 -21.19
C TYR A 9 -2.49 -9.37 -19.83
N LEU A 10 -3.77 -8.98 -19.85
CA LEU A 10 -4.55 -8.69 -18.64
C LEU A 10 -5.59 -9.75 -18.34
N GLU A 11 -5.81 -10.03 -17.04
CA GLU A 11 -6.93 -10.83 -16.57
C GLU A 11 -7.68 -10.11 -15.45
N GLU A 12 -8.98 -10.37 -15.34
CA GLU A 12 -9.80 -9.84 -14.24
C GLU A 12 -10.47 -10.97 -13.47
N PHE A 13 -10.74 -10.70 -12.19
CA PHE A 13 -11.44 -11.62 -11.32
C PHE A 13 -12.64 -10.89 -10.72
N ASN A 14 -13.84 -11.24 -11.19
CA ASN A 14 -15.06 -10.60 -10.71
C ASN A 14 -15.37 -10.98 -9.26
N LEU A 15 -16.09 -10.13 -8.56
CA LEU A 15 -16.32 -10.40 -7.14
C LEU A 15 -17.78 -10.79 -6.83
N SER A 16 -18.04 -11.23 -5.60
CA SER A 16 -19.36 -11.75 -5.19
C SER A 16 -20.50 -10.77 -5.32
N ILE A 17 -20.24 -9.53 -4.93
CA ILE A 17 -21.20 -8.46 -5.10
C ILE A 17 -20.58 -7.38 -5.98
N PRO A 18 -21.41 -6.56 -6.65
CA PRO A 18 -20.86 -5.70 -7.70
C PRO A 18 -20.15 -4.44 -7.19
N ASP A 19 -20.34 -4.07 -5.92
CA ASP A 19 -19.81 -2.81 -5.40
C ASP A 19 -19.18 -2.96 -3.99
N SER A 20 -18.18 -3.83 -3.89
CA SER A 20 -17.59 -4.19 -2.58
C SER A 20 -16.47 -3.26 -2.07
N GLY A 21 -16.01 -2.36 -2.93
CA GLY A 21 -14.89 -1.44 -2.60
C GLY A 21 -13.53 -2.12 -2.39
N PRO A 22 -13.08 -2.93 -3.37
CA PRO A 22 -11.69 -3.44 -3.26
C PRO A 22 -10.73 -2.25 -3.18
N TYR A 23 -9.77 -2.30 -2.26
CA TYR A 23 -8.91 -1.14 -2.04
C TYR A 23 -7.46 -1.57 -1.93
N GLY A 24 -7.14 -2.23 -0.82
CA GLY A 24 -5.79 -2.68 -0.56
C GLY A 24 -5.60 -4.10 -1.06
N ILE A 25 -4.36 -4.42 -1.45
CA ILE A 25 -4.04 -5.76 -1.92
C ILE A 25 -2.59 -6.08 -1.59
N THR A 26 -2.35 -7.33 -1.25
CA THR A 26 -1.02 -7.78 -0.94
C THR A 26 -0.89 -9.25 -1.28
N SER A 27 0.35 -9.73 -1.22
CA SER A 27 0.66 -11.08 -1.61
C SER A 27 1.15 -11.86 -0.39
N SER A 28 0.81 -13.14 -0.35
CA SER A 28 1.30 -14.05 0.68
C SER A 28 2.36 -15.00 0.09
N GLU A 29 3.24 -15.51 0.94
CA GLU A 29 4.29 -16.43 0.47
C GLU A 29 3.71 -17.77 0.03
N ASP A 30 2.49 -18.08 0.47
CA ASP A 30 1.82 -19.31 0.05
C ASP A 30 1.12 -19.17 -1.32
N GLY A 31 1.34 -18.03 -1.98
CA GLY A 31 0.79 -17.79 -3.32
C GLY A 31 -0.55 -17.06 -3.38
N LYS A 32 -1.26 -16.95 -2.24
CA LYS A 32 -2.57 -16.26 -2.22
C LYS A 32 -2.38 -14.76 -2.29
N VAL A 33 -3.33 -14.11 -2.93
CA VAL A 33 -3.43 -12.65 -2.94
C VAL A 33 -4.51 -12.30 -1.92
N TRP A 34 -4.24 -11.33 -1.05
CA TRP A 34 -5.24 -10.92 -0.04
C TRP A 34 -5.65 -9.46 -0.27
N PHE A 35 -6.93 -9.16 -0.10
CA PHE A 35 -7.43 -7.81 -0.34
C PHE A 35 -8.52 -7.36 0.63
N THR A 36 -8.57 -6.04 0.86
CA THR A 36 -9.64 -5.43 1.64
C THR A 36 -10.79 -5.02 0.72
N GLN A 37 -12.00 -5.13 1.24
CA GLN A 37 -13.20 -4.64 0.55
C GLN A 37 -13.92 -3.68 1.50
N HIS A 38 -13.74 -2.37 1.29
CA HIS A 38 -14.14 -1.41 2.33
C HIS A 38 -15.66 -1.19 2.44
N LYS A 39 -16.38 -1.33 1.32
CA LYS A 39 -17.85 -1.23 1.32
C LYS A 39 -18.53 -2.50 1.84
N ALA A 40 -18.06 -3.67 1.38
CA ALA A 40 -18.59 -4.93 1.89
C ALA A 40 -18.13 -5.29 3.31
N ASN A 41 -17.11 -4.58 3.83
CA ASN A 41 -16.59 -4.87 5.17
C ASN A 41 -16.03 -6.31 5.24
N LYS A 42 -15.24 -6.66 4.22
CA LYS A 42 -14.56 -7.98 4.16
C LYS A 42 -13.04 -7.92 3.98
N ILE A 43 -12.39 -8.98 4.48
CA ILE A 43 -11.04 -9.35 4.07
C ILE A 43 -11.20 -10.62 3.24
N SER A 44 -10.63 -10.63 2.03
CA SER A 44 -10.77 -11.77 1.10
C SER A 44 -9.43 -12.30 0.56
N SER A 45 -9.35 -13.61 0.32
CA SER A 45 -8.19 -14.17 -0.34
C SER A 45 -8.54 -14.69 -1.73
N LEU A 46 -7.56 -14.67 -2.63
CA LEU A 46 -7.78 -15.22 -3.96
C LEU A 46 -6.60 -16.15 -4.25
N ASP A 47 -6.89 -17.45 -4.41
CA ASP A 47 -5.81 -18.44 -4.50
C ASP A 47 -5.41 -18.72 -5.95
N GLN A 48 -4.42 -19.59 -6.12
CA GLN A 48 -3.78 -19.88 -7.41
C GLN A 48 -4.71 -20.65 -8.37
N SER A 49 -5.77 -21.23 -7.82
CA SER A 49 -6.82 -21.86 -8.64
C SER A 49 -8.03 -20.93 -8.89
N GLY A 50 -7.92 -19.66 -8.49
CA GLY A 50 -9.02 -18.71 -8.68
C GLY A 50 -10.17 -18.77 -7.66
N ARG A 51 -9.97 -19.52 -6.59
CA ARG A 51 -10.97 -19.67 -5.53
C ARG A 51 -10.89 -18.46 -4.58
N ILE A 52 -12.05 -17.85 -4.29
CA ILE A 52 -12.14 -16.72 -3.36
C ILE A 52 -12.77 -17.12 -2.03
N LYS A 53 -12.14 -16.71 -0.93
CA LYS A 53 -12.70 -16.88 0.40
C LYS A 53 -12.87 -15.53 1.07
N GLU A 54 -14.10 -15.24 1.52
CA GLU A 54 -14.46 -13.98 2.18
C GLU A 54 -14.53 -14.11 3.69
N PHE A 55 -14.01 -13.11 4.38
CA PHE A 55 -14.06 -13.09 5.84
C PHE A 55 -14.69 -11.78 6.25
N GLU A 56 -15.73 -11.88 7.07
CA GLU A 56 -16.48 -10.75 7.54
C GLU A 56 -15.73 -10.06 8.69
N VAL A 57 -15.41 -8.78 8.50
CA VAL A 57 -14.78 -7.99 9.55
C VAL A 57 -15.79 -7.81 10.71
N PRO A 58 -15.41 -8.20 11.93
CA PRO A 58 -16.37 -8.22 13.07
C PRO A 58 -17.01 -6.87 13.41
N THR A 59 -16.23 -5.81 13.25
CA THR A 59 -16.75 -4.47 13.50
C THR A 59 -17.47 -3.94 12.26
N PRO A 60 -18.76 -3.57 12.37
CA PRO A 60 -19.48 -3.02 11.23
C PRO A 60 -18.92 -1.67 10.78
N ASP A 61 -19.02 -1.37 9.49
CA ASP A 61 -18.63 -0.08 8.95
C ASP A 61 -17.19 0.29 9.38
N ALA A 62 -16.30 -0.70 9.29
CA ALA A 62 -14.92 -0.56 9.76
C ALA A 62 -14.01 0.27 8.81
N LYS A 63 -14.48 0.47 7.58
CA LYS A 63 -13.71 1.04 6.47
C LYS A 63 -12.27 0.48 6.44
N VAL A 64 -12.15 -0.79 6.06
CA VAL A 64 -10.84 -1.46 6.02
C VAL A 64 -10.03 -1.02 4.79
N MET A 65 -8.77 -0.66 5.03
CA MET A 65 -7.98 0.05 4.02
C MET A 65 -6.73 -0.77 3.65
N CYS A 66 -5.61 -0.52 4.33
CA CYS A 66 -4.36 -1.20 3.96
C CYS A 66 -4.26 -2.55 4.68
N LEU A 67 -3.53 -3.48 4.09
CA LEU A 67 -3.29 -4.76 4.78
C LEU A 67 -1.94 -5.33 4.40
N ILE A 68 -1.40 -6.18 5.27
CA ILE A 68 -0.20 -6.93 4.97
C ILE A 68 -0.34 -8.37 5.48
N VAL A 69 0.51 -9.27 4.96
CA VAL A 69 0.63 -10.65 5.51
C VAL A 69 1.93 -10.66 6.30
N SER A 70 1.83 -10.98 7.58
CA SER A 70 3.02 -10.99 8.42
C SER A 70 3.89 -12.25 8.17
N SER A 71 5.10 -12.25 8.74
CA SER A 71 6.01 -13.39 8.63
C SER A 71 5.45 -14.66 9.33
N LEU A 72 4.49 -14.48 10.21
CA LEU A 72 3.79 -15.59 10.88
C LEU A 72 2.56 -16.10 10.09
N GLY A 73 2.23 -15.41 9.01
CA GLY A 73 1.07 -15.72 8.17
C GLY A 73 -0.25 -15.11 8.57
N ASP A 74 -0.25 -14.21 9.57
CA ASP A 74 -1.46 -13.48 9.94
C ASP A 74 -1.71 -12.31 8.98
N ILE A 75 -2.97 -11.99 8.76
CA ILE A 75 -3.35 -10.83 7.93
C ILE A 75 -3.69 -9.65 8.83
N TRP A 76 -2.89 -8.59 8.75
CA TRP A 76 -3.10 -7.39 9.55
C TRP A 76 -3.66 -6.28 8.70
N PHE A 77 -4.62 -5.53 9.22
CA PHE A 77 -5.26 -4.49 8.42
C PHE A 77 -5.70 -3.33 9.30
N THR A 78 -5.94 -2.16 8.69
CA THR A 78 -6.41 -1.01 9.45
C THR A 78 -7.93 -0.87 9.30
N GLU A 79 -8.60 -0.56 10.41
CA GLU A 79 -10.04 -0.25 10.39
C GLU A 79 -10.15 1.26 10.48
N ASN A 80 -10.03 1.93 9.33
CA ASN A 80 -9.94 3.39 9.29
C ASN A 80 -11.17 4.07 9.87
N GLY A 81 -12.32 3.42 9.69
CA GLY A 81 -13.58 4.02 10.12
C GLY A 81 -13.96 3.68 11.54
N ALA A 82 -13.30 2.67 12.11
CA ALA A 82 -13.68 2.16 13.43
C ALA A 82 -12.58 2.37 14.47
N ASN A 83 -11.45 2.96 14.06
CA ASN A 83 -10.37 3.32 14.99
C ASN A 83 -9.73 2.07 15.64
N LYS A 84 -9.44 1.07 14.82
CA LYS A 84 -8.93 -0.19 15.31
C LYS A 84 -7.90 -0.75 14.32
N ILE A 85 -7.04 -1.63 14.85
CA ILE A 85 -6.22 -2.47 14.02
C ILE A 85 -6.85 -3.87 14.04
N GLY A 86 -6.91 -4.50 12.88
CA GLY A 86 -7.42 -5.87 12.79
C GLY A 86 -6.34 -6.90 12.54
N LYS A 87 -6.59 -8.11 13.05
CA LYS A 87 -5.76 -9.25 12.73
C LYS A 87 -6.65 -10.45 12.38
N LEU A 88 -6.42 -11.05 11.21
CA LEU A 88 -7.01 -12.35 10.87
C LEU A 88 -5.91 -13.39 10.98
N SER A 89 -6.01 -14.27 11.96
CA SER A 89 -4.93 -15.23 12.23
C SER A 89 -4.72 -16.20 11.07
N LYS A 90 -3.51 -16.70 10.94
CA LYS A 90 -3.21 -17.77 9.96
C LYS A 90 -4.25 -18.90 10.04
N LYS A 91 -4.77 -19.15 11.24
CA LYS A 91 -5.86 -20.12 11.50
C LYS A 91 -7.26 -19.70 11.06
N GLY A 92 -7.51 -18.40 10.91
CA GLY A 92 -8.81 -17.91 10.41
C GLY A 92 -9.76 -17.24 11.40
N GLY A 93 -9.28 -16.89 12.60
CA GLY A 93 -10.05 -16.09 13.56
C GLY A 93 -9.60 -14.64 13.69
N PHE A 94 -10.54 -13.72 13.92
CA PHE A 94 -10.23 -12.29 14.11
C PHE A 94 -9.89 -11.87 15.55
N THR A 95 -8.93 -10.97 15.66
CA THR A 95 -8.72 -10.16 16.85
C THR A 95 -8.72 -8.68 16.44
N GLU A 96 -9.24 -7.80 17.30
CA GLU A 96 -9.20 -6.36 17.00
C GLU A 96 -8.63 -5.57 18.16
N TYR A 97 -7.91 -4.50 17.82
CA TYR A 97 -7.18 -3.69 18.79
C TYR A 97 -7.61 -2.25 18.63
N PRO A 98 -8.50 -1.80 19.52
CA PRO A 98 -8.93 -0.41 19.55
C PRO A 98 -7.75 0.52 19.84
N LEU A 99 -7.71 1.65 19.15
CA LEU A 99 -6.67 2.64 19.34
C LEU A 99 -6.97 3.49 20.59
N PRO A 100 -5.91 3.97 21.25
CA PRO A 100 -6.05 4.71 22.52
C PRO A 100 -6.68 6.09 22.40
N GLN A 101 -6.48 6.76 21.27
CA GLN A 101 -7.09 8.07 21.07
C GLN A 101 -8.18 8.01 19.99
N PRO A 102 -9.33 8.65 20.25
CA PRO A 102 -10.45 8.57 19.29
C PRO A 102 -10.17 9.23 17.93
N ASP A 103 -10.88 8.74 16.91
CA ASP A 103 -10.87 9.36 15.56
C ASP A 103 -9.45 9.50 15.00
N SER A 104 -8.62 8.49 15.24
CA SER A 104 -7.24 8.50 14.75
C SER A 104 -7.11 8.26 13.25
N GLY A 105 -8.09 7.60 12.64
CA GLY A 105 -8.02 7.26 11.22
C GLY A 105 -6.81 6.38 10.87
N PRO A 106 -6.66 5.19 11.49
CA PRO A 106 -5.55 4.32 11.07
C PRO A 106 -5.63 4.01 9.56
N TYR A 107 -4.48 3.96 8.91
CA TYR A 107 -4.48 3.93 7.45
C TYR A 107 -3.44 2.97 6.88
N GLY A 108 -2.17 3.37 6.91
CA GLY A 108 -1.06 2.53 6.43
C GLY A 108 -0.70 1.51 7.50
N ILE A 109 -0.19 0.36 7.08
CA ILE A 109 0.21 -0.72 8.01
C ILE A 109 1.37 -1.53 7.39
N THR A 110 2.33 -1.93 8.22
CA THR A 110 3.46 -2.75 7.77
C THR A 110 4.07 -3.52 8.93
N GLU A 111 4.79 -4.58 8.61
CA GLU A 111 5.47 -5.31 9.70
C GLU A 111 6.85 -4.71 9.92
N GLY A 112 7.26 -4.57 11.18
CA GLY A 112 8.63 -4.17 11.49
C GLY A 112 9.46 -5.38 11.92
N LEU A 113 10.26 -5.20 12.95
CA LEU A 113 11.11 -6.26 13.45
C LEU A 113 10.43 -6.95 14.63
N ASN A 114 10.80 -8.20 14.88
CA ASN A 114 10.36 -8.91 16.08
C ASN A 114 8.83 -9.05 16.20
N GLY A 115 8.15 -9.07 15.05
CA GLY A 115 6.70 -9.23 15.02
C GLY A 115 5.92 -7.92 15.21
N ASP A 116 6.63 -6.82 15.46
CA ASP A 116 6.03 -5.48 15.69
C ASP A 116 5.21 -5.11 14.45
N ILE A 117 4.06 -4.51 14.68
CA ILE A 117 3.21 -4.02 13.60
C ILE A 117 3.10 -2.51 13.69
N TRP A 118 3.46 -1.84 12.61
CA TRP A 118 3.49 -0.39 12.57
C TRP A 118 2.38 0.18 11.70
N PHE A 119 1.86 1.35 12.06
CA PHE A 119 0.78 1.95 11.30
C PHE A 119 0.76 3.47 11.38
N THR A 120 0.16 4.10 10.36
CA THR A 120 -0.04 5.54 10.39
C THR A 120 -1.46 5.81 10.90
N GLN A 121 -1.62 6.98 11.49
CA GLN A 121 -2.88 7.51 11.91
C GLN A 121 -3.11 8.81 11.12
N LEU A 122 -3.90 8.68 10.08
CA LEU A 122 -4.04 9.74 9.11
C LEU A 122 -4.57 11.03 9.75
N ASN A 123 -5.59 10.89 10.60
CA ASN A 123 -6.19 12.05 11.30
C ASN A 123 -5.57 12.28 12.66
N GLY A 124 -4.90 11.26 13.20
CA GLY A 124 -4.19 11.39 14.46
C GLY A 124 -2.88 12.16 14.36
N ASP A 125 -2.29 12.21 13.16
CA ASP A 125 -0.95 12.80 12.97
C ASP A 125 0.08 12.15 13.90
N ARG A 126 0.02 10.82 13.89
CA ARG A 126 0.97 10.07 14.70
C ARG A 126 1.20 8.72 14.07
N ILE A 127 2.25 8.06 14.52
CA ILE A 127 2.62 6.72 14.07
C ILE A 127 2.39 5.80 15.26
N GLY A 128 1.83 4.63 15.01
CA GLY A 128 1.68 3.62 16.06
C GLY A 128 2.54 2.39 15.86
N LYS A 129 2.90 1.75 16.96
CA LYS A 129 3.55 0.43 16.99
C LYS A 129 2.76 -0.48 17.91
N LEU A 130 2.35 -1.64 17.39
CA LEU A 130 1.63 -2.69 18.12
C LEU A 130 2.57 -3.87 18.32
N THR A 131 2.90 -4.18 19.58
CA THR A 131 3.93 -5.17 19.88
C THR A 131 3.30 -6.53 20.11
N ALA A 132 4.15 -7.55 20.26
CA ALA A 132 3.73 -8.95 20.36
C ALA A 132 2.62 -9.17 21.39
N ASP A 133 2.76 -8.53 22.55
CA ASP A 133 1.77 -8.69 23.61
C ASP A 133 0.53 -7.79 23.48
N GLY A 134 0.41 -7.07 22.35
CA GLY A 134 -0.75 -6.21 22.09
C GLY A 134 -0.70 -4.78 22.62
N THR A 135 0.42 -4.35 23.19
CA THR A 135 0.58 -2.97 23.65
C THR A 135 0.76 -2.06 22.44
N ILE A 136 0.11 -0.90 22.48
CA ILE A 136 0.29 0.12 21.45
C ILE A 136 1.11 1.29 21.98
N TYR A 137 2.17 1.64 21.25
CA TYR A 137 2.96 2.83 21.52
C TYR A 137 2.74 3.83 20.40
N GLU A 138 2.65 5.10 20.75
CA GLU A 138 2.39 6.16 19.76
C GLU A 138 3.49 7.20 19.73
N TYR A 139 3.66 7.84 18.56
CA TYR A 139 4.71 8.85 18.36
C TYR A 139 4.07 9.99 17.58
N ASP A 140 4.11 11.20 18.14
CA ASP A 140 3.52 12.37 17.48
C ASP A 140 4.38 12.95 16.38
N LEU A 141 3.74 13.31 15.27
CA LEU A 141 4.39 14.14 14.26
C LEU A 141 4.38 15.60 14.73
N PRO A 142 5.42 16.39 14.39
CA PRO A 142 5.48 17.77 14.91
C PRO A 142 4.44 18.71 14.30
N ASN A 143 3.95 18.39 13.10
CA ASN A 143 2.90 19.22 12.47
C ASN A 143 1.55 18.54 12.37
N LYS A 144 0.51 19.22 12.86
CA LYS A 144 -0.86 18.71 12.65
C LYS A 144 -1.22 18.89 11.17
N GLY A 145 -2.19 18.11 10.69
CA GLY A 145 -2.60 18.10 9.26
C GLY A 145 -1.46 17.66 8.33
N SER A 146 -0.60 16.77 8.82
CA SER A 146 0.43 16.11 8.01
C SER A 146 -0.12 15.00 7.13
N TYR A 147 -1.16 14.34 7.63
CA TYR A 147 -1.82 13.20 6.97
C TYR A 147 -0.85 12.07 6.60
N PRO A 148 -0.30 11.37 7.61
CA PRO A 148 0.61 10.26 7.29
C PRO A 148 -0.19 9.13 6.65
N ALA A 149 0.28 8.64 5.51
CA ALA A 149 -0.55 7.78 4.66
C ALA A 149 0.00 6.33 4.63
N PHE A 150 0.77 5.98 3.62
CA PHE A 150 1.36 4.64 3.53
C PHE A 150 2.66 4.51 4.32
N ILE A 151 2.99 3.29 4.71
CA ILE A 151 4.18 3.08 5.53
C ILE A 151 4.79 1.74 5.13
N THR A 152 6.11 1.66 5.23
CA THR A 152 6.85 0.46 4.82
C THR A 152 8.17 0.31 5.59
N LEU A 153 8.69 -0.91 5.62
CA LEU A 153 9.93 -1.17 6.37
C LEU A 153 11.06 -0.97 5.38
N GLY A 154 11.92 0.00 5.68
CA GLY A 154 13.08 0.29 4.81
C GLY A 154 14.23 -0.68 5.00
N SER A 155 15.17 -0.67 4.04
CA SER A 155 16.35 -1.56 4.08
C SER A 155 17.29 -1.28 5.28
N ASP A 156 17.11 -0.11 5.91
CA ASP A 156 17.84 0.25 7.10
C ASP A 156 17.08 -0.15 8.40
N ASN A 157 15.96 -0.86 8.25
CA ASN A 157 15.12 -1.29 9.38
C ASN A 157 14.41 -0.17 10.14
N ALA A 158 14.36 1.03 9.56
CA ALA A 158 13.48 2.05 10.07
C ALA A 158 12.17 2.03 9.27
N LEU A 159 11.15 2.72 9.79
CA LEU A 159 9.84 2.77 9.17
C LEU A 159 9.70 4.08 8.41
N TRP A 160 9.37 3.95 7.12
CA TRP A 160 9.30 5.10 6.21
C TRP A 160 7.88 5.27 5.77
N PHE A 161 7.42 6.53 5.80
CA PHE A 161 6.01 6.80 5.53
C PHE A 161 5.83 8.12 4.77
N THR A 162 4.73 8.20 4.04
CA THR A 162 4.41 9.44 3.32
C THR A 162 3.59 10.34 4.22
N GLU A 163 3.84 11.65 4.14
CA GLU A 163 3.06 12.68 4.86
C GLU A 163 2.38 13.45 3.72
N ASN A 164 1.13 13.08 3.43
CA ASN A 164 0.46 13.52 2.22
C ASN A 164 0.36 15.05 2.14
N GLN A 165 -0.02 15.67 3.24
CA GLN A 165 -0.25 17.11 3.26
C GLN A 165 0.92 17.90 3.88
N ASN A 166 1.83 17.23 4.59
CA ASN A 166 3.09 17.86 4.98
C ASN A 166 4.12 17.88 3.84
N ASN A 167 3.76 17.25 2.70
CA ASN A 167 4.63 17.15 1.51
C ASN A 167 6.04 16.64 1.86
N SER A 168 6.11 15.53 2.60
CA SER A 168 7.37 15.03 3.11
C SER A 168 7.37 13.53 3.22
N ILE A 169 8.58 12.99 3.33
CA ILE A 169 8.76 11.57 3.66
C ILE A 169 9.23 11.52 5.12
N GLY A 170 8.52 10.78 5.95
CA GLY A 170 8.94 10.56 7.34
C GLY A 170 9.74 9.26 7.47
N ARG A 171 10.67 9.25 8.42
CA ARG A 171 11.46 8.07 8.81
C ARG A 171 11.46 8.02 10.34
N ILE A 172 10.99 6.90 10.90
CA ILE A 172 10.97 6.70 12.35
C ILE A 172 11.63 5.36 12.69
N THR A 173 12.50 5.37 13.70
CA THR A 173 13.16 4.14 14.15
C THR A 173 12.43 3.51 15.33
N ASN A 174 12.90 2.34 15.72
CA ASN A 174 12.35 1.69 16.89
C ASN A 174 12.55 2.43 18.20
N THR A 175 13.51 3.36 18.24
CA THR A 175 13.69 4.20 19.44
C THR A 175 12.73 5.39 19.44
N GLY A 176 12.02 5.60 18.33
CA GLY A 176 11.13 6.76 18.22
C GLY A 176 11.77 7.99 17.58
N LYS A 177 13.04 7.90 17.20
CA LYS A 177 13.78 8.97 16.57
C LYS A 177 13.20 9.27 15.19
N LEU A 178 12.71 10.50 14.99
CA LEU A 178 11.97 10.87 13.77
C LEU A 178 12.75 11.88 12.94
N GLU A 179 12.72 11.69 11.63
CA GLU A 179 13.25 12.66 10.71
C GLU A 179 12.22 12.84 9.60
N GLU A 180 12.14 14.04 9.04
CA GLU A 180 11.23 14.30 7.94
C GLU A 180 11.97 14.97 6.78
N TYR A 181 11.66 14.56 5.56
CA TYR A 181 12.39 15.00 4.39
C TYR A 181 11.42 15.65 3.43
N PRO A 182 11.40 16.97 3.40
CA PRO A 182 10.55 17.74 2.46
C PRO A 182 10.80 17.37 1.01
N LEU A 183 9.73 17.21 0.23
CA LEU A 183 9.85 16.94 -1.19
C LEU A 183 10.22 18.20 -1.99
N PRO A 184 11.00 18.04 -3.07
CA PRO A 184 11.41 19.19 -3.90
C PRO A 184 10.31 19.78 -4.78
N THR A 185 9.22 19.03 -4.99
CA THR A 185 8.07 19.47 -5.78
C THR A 185 7.03 19.95 -4.74
N ASN A 186 6.57 21.20 -4.83
CA ASN A 186 5.56 21.69 -3.88
C ASN A 186 4.17 21.06 -4.10
N ALA A 187 3.42 20.90 -3.00
CA ALA A 187 2.11 20.24 -3.01
C ALA A 187 2.06 18.93 -3.79
N ALA A 188 3.16 18.18 -3.75
CA ALA A 188 3.28 16.92 -4.50
C ALA A 188 2.30 15.83 -4.05
N ALA A 189 1.92 15.85 -2.77
CA ALA A 189 0.91 14.96 -2.21
C ALA A 189 1.30 13.46 -2.32
N PRO A 190 2.37 13.05 -1.62
CA PRO A 190 2.80 11.65 -1.69
C PRO A 190 1.76 10.71 -1.09
N VAL A 191 1.59 9.52 -1.66
CA VAL A 191 0.61 8.55 -1.16
C VAL A 191 1.30 7.19 -0.95
N GLY A 192 1.34 6.33 -1.96
CA GLY A 192 2.01 5.04 -1.84
C GLY A 192 3.49 5.15 -1.57
N ILE A 193 3.98 4.22 -0.75
CA ILE A 193 5.42 4.07 -0.54
C ILE A 193 5.74 2.57 -0.45
N THR A 194 6.94 2.20 -0.89
CA THR A 194 7.38 0.79 -0.89
C THR A 194 8.89 0.73 -0.83
N SER A 195 9.45 -0.41 -0.45
CA SER A 195 10.88 -0.55 -0.45
C SER A 195 11.33 -1.25 -1.73
N GLY A 196 12.27 -0.62 -2.44
CA GLY A 196 12.74 -1.13 -3.72
C GLY A 196 13.79 -2.22 -3.48
N ASN A 197 13.97 -3.09 -4.45
CA ASN A 197 15.04 -4.07 -4.39
C ASN A 197 16.43 -3.42 -4.36
N ASP A 198 16.52 -2.16 -4.82
CA ASP A 198 17.77 -1.38 -4.76
C ASP A 198 18.09 -0.85 -3.35
N GLY A 199 17.19 -1.08 -2.40
CA GLY A 199 17.42 -0.68 -1.02
C GLY A 199 16.96 0.73 -0.70
N ALA A 200 16.42 1.42 -1.71
CA ALA A 200 15.84 2.73 -1.51
C ALA A 200 14.32 2.61 -1.34
N LEU A 201 13.71 3.70 -0.88
CA LEU A 201 12.26 3.78 -0.75
C LEU A 201 11.73 4.45 -2.02
N TRP A 202 10.66 3.88 -2.55
CA TRP A 202 10.01 4.44 -3.75
C TRP A 202 8.56 4.85 -3.41
N PHE A 203 8.16 6.03 -3.87
CA PHE A 203 6.85 6.57 -3.53
C PHE A 203 6.19 7.25 -4.75
N VAL A 204 4.89 7.47 -4.64
CA VAL A 204 4.16 8.24 -5.66
C VAL A 204 3.82 9.65 -5.17
N GLU A 205 3.79 10.60 -6.10
CA GLU A 205 3.30 11.94 -5.85
C GLU A 205 1.99 12.07 -6.64
N ILE A 206 0.84 12.00 -5.94
CA ILE A 206 -0.45 11.90 -6.65
C ILE A 206 -0.74 13.19 -7.43
N MET A 207 -0.34 14.34 -6.88
CA MET A 207 -0.53 15.62 -7.57
C MET A 207 0.74 16.04 -8.33
N GLY A 208 1.91 15.72 -7.76
CA GLY A 208 3.18 16.02 -8.43
C GLY A 208 3.33 15.31 -9.78
N ASN A 209 2.58 14.22 -9.96
CA ASN A 209 2.63 13.42 -11.19
C ASN A 209 4.05 12.86 -11.46
N LYS A 210 4.67 12.39 -10.39
CA LYS A 210 6.01 11.85 -10.45
C LYS A 210 6.09 10.62 -9.56
N ILE A 211 7.08 9.77 -9.90
CA ILE A 211 7.55 8.72 -8.99
C ILE A 211 8.79 9.25 -8.29
N GLY A 212 8.80 9.17 -6.96
CA GLY A 212 9.94 9.59 -6.16
C GLY A 212 10.78 8.42 -5.66
N ARG A 213 12.08 8.65 -5.49
CA ARG A 213 12.98 7.68 -4.86
C ARG A 213 13.78 8.41 -3.79
N ILE A 214 13.83 7.85 -2.59
CA ILE A 214 14.59 8.47 -1.50
C ILE A 214 15.49 7.38 -0.90
N THR A 215 16.81 7.64 -0.87
CA THR A 215 17.75 6.70 -0.24
C THR A 215 17.58 6.74 1.29
N THR A 216 18.12 5.74 1.98
CA THR A 216 17.97 5.69 3.43
C THR A 216 18.74 6.80 4.15
N THR A 217 19.59 7.53 3.41
CA THR A 217 20.28 8.72 3.93
C THR A 217 19.55 9.99 3.52
N GLY A 218 18.44 9.83 2.79
CA GLY A 218 17.55 10.96 2.48
C GLY A 218 17.72 11.64 1.14
N GLU A 219 18.49 11.06 0.23
CA GLU A 219 18.64 11.68 -1.08
C GLU A 219 17.47 11.39 -2.01
N ILE A 220 16.78 12.44 -2.43
CA ILE A 220 15.61 12.30 -3.29
C ILE A 220 15.92 12.47 -4.78
N SER A 221 15.37 11.59 -5.62
CA SER A 221 15.30 11.81 -7.05
C SER A 221 13.86 11.56 -7.52
N GLU A 222 13.52 12.09 -8.69
CA GLU A 222 12.17 11.95 -9.23
C GLU A 222 12.17 11.52 -10.71
N TYR A 223 11.04 10.96 -11.13
CA TYR A 223 10.78 10.53 -12.50
C TYR A 223 9.45 11.13 -12.92
N ASP A 224 9.41 11.81 -14.07
CA ASP A 224 8.15 12.36 -14.56
C ASP A 224 7.27 11.26 -15.12
N ILE A 225 6.00 11.19 -14.70
CA ILE A 225 5.06 10.22 -15.28
C ILE A 225 4.63 10.73 -16.68
N PRO A 226 4.76 9.89 -17.73
CA PRO A 226 4.42 10.35 -19.08
C PRO A 226 2.99 10.90 -19.21
N THR A 227 2.00 10.19 -18.66
CA THR A 227 0.62 10.63 -18.77
C THR A 227 0.29 11.75 -17.78
N PRO A 228 -0.16 12.93 -18.28
CA PRO A 228 -0.57 14.02 -17.36
C PRO A 228 -1.74 13.62 -16.48
N ASN A 229 -1.79 14.17 -15.28
CA ASN A 229 -2.92 13.96 -14.39
C ASN A 229 -3.20 12.49 -14.14
N ALA A 230 -2.15 11.69 -14.06
CA ALA A 230 -2.30 10.24 -13.90
C ALA A 230 -2.84 9.84 -12.52
N ARG A 231 -2.69 10.74 -11.53
CA ARG A 231 -3.01 10.44 -10.13
C ARG A 231 -2.50 9.05 -9.66
N PRO A 232 -1.16 8.87 -9.61
CA PRO A 232 -0.60 7.61 -9.12
C PRO A 232 -0.93 7.39 -7.65
N HIS A 233 -1.21 6.14 -7.28
CA HIS A 233 -1.73 5.84 -5.95
C HIS A 233 -0.82 4.93 -5.14
N ALA A 234 -0.62 3.71 -5.63
CA ALA A 234 0.16 2.73 -4.90
C ALA A 234 1.35 2.21 -5.72
N ILE A 235 2.28 1.57 -5.03
CA ILE A 235 3.56 1.26 -5.65
C ILE A 235 4.16 0.03 -5.00
N THR A 236 4.87 -0.77 -5.79
CA THR A 236 5.50 -2.01 -5.32
C THR A 236 6.74 -2.35 -6.14
N ALA A 237 7.72 -3.04 -5.52
CA ALA A 237 8.89 -3.54 -6.26
C ALA A 237 8.50 -4.75 -7.12
N GLY A 238 9.10 -4.85 -8.29
CA GLY A 238 8.90 -6.00 -9.17
C GLY A 238 10.17 -6.83 -9.09
N LYS A 239 10.63 -7.29 -10.25
CA LYS A 239 11.85 -8.12 -10.35
C LYS A 239 13.06 -7.21 -10.54
N ASN A 240 14.20 -7.55 -9.91
CA ASN A 240 15.42 -6.70 -10.01
C ASN A 240 15.14 -5.24 -9.62
N SER A 241 15.57 -4.27 -10.43
CA SER A 241 15.40 -2.84 -10.12
C SER A 241 13.99 -2.32 -10.45
N GLU A 242 13.13 -3.18 -10.95
CA GLU A 242 11.82 -2.71 -11.47
C GLU A 242 10.86 -2.26 -10.40
N ILE A 243 9.96 -1.35 -10.77
CA ILE A 243 9.01 -0.75 -9.86
C ILE A 243 7.68 -0.64 -10.63
N TRP A 244 6.58 -1.00 -9.96
CA TRP A 244 5.25 -0.98 -10.56
C TRP A 244 4.34 -0.05 -9.77
N PHE A 245 3.43 0.65 -10.44
CA PHE A 245 2.53 1.56 -9.72
C PHE A 245 1.17 1.69 -10.43
N THR A 246 0.16 2.10 -9.67
CA THR A 246 -1.17 2.30 -10.24
C THR A 246 -1.37 3.76 -10.54
N GLU A 247 -2.04 4.04 -11.66
CA GLU A 247 -2.45 5.40 -12.06
C GLU A 247 -3.96 5.45 -11.97
N TRP A 248 -4.46 5.83 -10.79
CA TRP A 248 -5.90 5.85 -10.50
C TRP A 248 -6.67 6.74 -11.48
N GLY A 249 -6.07 7.87 -11.83
CA GLY A 249 -6.69 8.86 -12.73
C GLY A 249 -6.63 8.51 -14.21
N ALA A 250 -5.64 7.73 -14.64
CA ALA A 250 -5.50 7.39 -16.05
C ALA A 250 -5.97 5.97 -16.39
N ASN A 251 -6.42 5.19 -15.38
CA ASN A 251 -6.76 3.78 -15.59
C ASN A 251 -5.59 3.04 -16.25
N GLN A 252 -4.40 3.22 -15.69
CA GLN A 252 -3.18 2.62 -16.23
C GLN A 252 -2.36 2.01 -15.12
N ILE A 253 -1.52 1.06 -15.50
CA ILE A 253 -0.48 0.55 -14.63
C ILE A 253 0.86 1.07 -15.17
N GLY A 254 1.68 1.62 -14.27
CA GLY A 254 3.02 2.10 -14.64
C GLY A 254 4.12 1.12 -14.22
N ARG A 255 5.26 1.22 -14.90
CA ARG A 255 6.41 0.34 -14.66
C ARG A 255 7.68 1.09 -14.98
N ILE A 256 8.62 1.15 -14.04
CA ILE A 256 9.96 1.60 -14.33
C ILE A 256 10.83 0.39 -14.62
N THR A 257 11.31 0.32 -15.86
CA THR A 257 12.07 -0.82 -16.39
C THR A 257 13.55 -0.69 -16.00
N ASN A 258 14.37 -1.69 -16.36
CA ASN A 258 15.79 -1.67 -16.02
C ASN A 258 16.55 -0.49 -16.65
N ASP A 259 16.12 -0.07 -17.84
CA ASP A 259 16.75 1.06 -18.53
C ASP A 259 16.25 2.40 -18.00
N ASN A 260 15.52 2.36 -16.90
CA ASN A 260 15.21 3.55 -16.14
C ASN A 260 14.18 4.48 -16.78
N THR A 261 13.41 3.93 -17.73
CA THR A 261 12.31 4.64 -18.38
C THR A 261 10.98 4.05 -17.91
N ILE A 262 9.91 4.84 -18.04
CA ILE A 262 8.58 4.42 -17.58
C ILE A 262 7.74 3.90 -18.74
N GLN A 263 7.14 2.72 -18.54
CA GLN A 263 6.19 2.16 -19.48
C GLN A 263 4.81 2.28 -18.82
N GLU A 264 3.78 2.59 -19.60
CA GLU A 264 2.42 2.59 -19.06
C GLU A 264 1.56 1.60 -19.79
N TYR A 265 0.69 0.89 -19.07
CA TYR A 265 -0.20 -0.10 -19.68
C TYR A 265 -1.65 0.33 -19.52
N GLN A 266 -2.38 0.42 -20.62
CA GLN A 266 -3.75 0.91 -20.61
C GLN A 266 -4.75 -0.21 -20.30
N LEU A 267 -5.51 -0.03 -19.22
CA LEU A 267 -6.49 -1.01 -18.81
C LEU A 267 -7.76 -0.83 -19.62
N GLN A 268 -8.54 -1.89 -19.75
CA GLN A 268 -9.74 -1.88 -20.57
C GLN A 268 -10.99 -1.60 -19.73
N THR A 269 -10.96 -2.06 -18.48
CA THR A 269 -12.09 -1.93 -17.55
C THR A 269 -12.52 -0.49 -17.46
N GLU A 270 -13.81 -0.24 -17.68
CA GLU A 270 -14.35 1.11 -17.59
C GLU A 270 -14.28 1.50 -16.12
N ASN A 271 -13.94 2.76 -15.85
CA ASN A 271 -13.79 3.25 -14.47
C ASN A 271 -12.88 2.34 -13.61
N ALA A 272 -11.77 1.86 -14.20
CA ALA A 272 -10.90 0.89 -13.51
C ALA A 272 -10.46 1.44 -12.14
N GLU A 273 -9.97 2.69 -12.15
CA GLU A 273 -9.60 3.43 -10.94
C GLU A 273 -8.76 2.57 -9.99
N PRO A 274 -7.59 2.12 -10.47
CA PRO A 274 -6.79 1.18 -9.66
C PRO A 274 -6.21 1.84 -8.40
N HIS A 275 -6.29 1.11 -7.28
CA HIS A 275 -5.70 1.58 -6.02
C HIS A 275 -4.49 0.75 -5.63
N GLY A 276 -4.71 -0.28 -4.80
CA GLY A 276 -3.61 -1.11 -4.30
C GLY A 276 -2.93 -1.92 -5.40
N ILE A 277 -1.65 -2.21 -5.21
CA ILE A 277 -0.88 -3.01 -6.16
C ILE A 277 0.08 -3.95 -5.42
N THR A 278 0.29 -5.15 -5.96
CA THR A 278 1.24 -6.09 -5.37
C THR A 278 1.91 -6.97 -6.43
N PHE A 279 3.07 -7.54 -6.10
CA PHE A 279 3.81 -8.36 -7.03
C PHE A 279 3.81 -9.80 -6.52
N GLY A 280 3.24 -10.71 -7.29
CA GLY A 280 3.18 -12.13 -6.89
C GLY A 280 4.50 -12.86 -7.04
N LYS A 281 4.65 -13.95 -6.28
CA LYS A 281 5.86 -14.78 -6.37
C LYS A 281 6.18 -15.23 -7.80
N ASP A 282 5.14 -15.49 -8.60
CA ASP A 282 5.36 -15.89 -10.00
C ASP A 282 5.54 -14.73 -11.00
N GLY A 283 5.67 -13.50 -10.49
CA GLY A 283 5.91 -12.34 -11.35
C GLY A 283 4.65 -11.70 -11.89
N SER A 284 3.50 -12.15 -11.43
CA SER A 284 2.22 -11.49 -11.74
C SER A 284 2.10 -10.16 -11.01
N VAL A 285 1.50 -9.17 -11.68
CA VAL A 285 1.23 -7.87 -11.08
C VAL A 285 -0.29 -7.78 -10.79
N TRP A 286 -0.64 -7.69 -9.50
CA TRP A 286 -2.03 -7.69 -9.09
C TRP A 286 -2.44 -6.29 -8.58
N PHE A 287 -3.68 -5.92 -8.85
CA PHE A 287 -4.16 -4.59 -8.42
C PHE A 287 -5.66 -4.57 -8.08
N ALA A 288 -6.06 -3.69 -7.17
CA ALA A 288 -7.48 -3.57 -6.80
C ALA A 288 -8.14 -2.55 -7.71
N LEU A 289 -9.08 -3.00 -8.55
CA LEU A 289 -9.88 -2.06 -9.34
C LEU A 289 -11.14 -1.65 -8.56
N LYS A 290 -11.91 -0.71 -9.12
CA LYS A 290 -13.08 -0.14 -8.47
C LYS A 290 -14.08 -1.18 -8.00
N CYS A 291 -14.29 -2.21 -8.84
CA CYS A 291 -15.33 -3.22 -8.63
C CYS A 291 -14.84 -4.69 -8.70
N LYS A 292 -13.54 -4.90 -8.97
CA LYS A 292 -12.98 -6.25 -9.22
C LYS A 292 -11.46 -6.30 -9.01
N ILE A 293 -10.87 -7.49 -9.15
CA ILE A 293 -9.41 -7.65 -9.05
C ILE A 293 -8.79 -7.79 -10.45
N GLY A 294 -7.70 -7.07 -10.70
CA GLY A 294 -7.02 -7.15 -11.99
C GLY A 294 -5.65 -7.77 -11.87
N LYS A 295 -5.20 -8.39 -12.97
CA LYS A 295 -3.90 -9.04 -13.03
C LYS A 295 -3.21 -8.71 -14.36
N LEU A 296 -1.93 -8.38 -14.29
CA LEU A 296 -1.11 -8.13 -15.48
C LEU A 296 0.07 -9.11 -15.50
N ASN A 297 0.25 -9.72 -16.67
CA ASN A 297 1.34 -10.66 -16.92
C ASN A 297 2.17 -10.21 -18.11
N LEU A 298 3.45 -10.49 -18.04
CA LEU A 298 4.37 -10.17 -19.12
C LEU A 298 4.74 -11.44 -19.87
N ASN A 299 5.03 -11.30 -21.16
CA ASN A 299 5.55 -12.42 -21.95
C ASN A 299 7.01 -12.20 -22.25
#